data_1DN3
# 
_entry.id   1DN3 
# 
_audit_conform.dict_name       mmcif_pdbx.dic 
_audit_conform.dict_version    5.390 
_audit_conform.dict_location   http://mmcif.pdb.org/dictionaries/ascii/mmcif_pdbx.dic 
# 
loop_
_database_2.database_id 
_database_2.database_code 
_database_2.pdbx_database_accession 
_database_2.pdbx_DOI 
PDB   1DN3         pdb_00001dn3 10.2210/pdb1dn3/pdb 
RCSB  RCSB010224   ?            ?                   
WWPDB D_1000010224 ?            ?                   
# 
loop_
_pdbx_audit_revision_history.ordinal 
_pdbx_audit_revision_history.data_content_type 
_pdbx_audit_revision_history.major_revision 
_pdbx_audit_revision_history.minor_revision 
_pdbx_audit_revision_history.revision_date 
1 'Structure model' 1 0 2000-01-12 
2 'Structure model' 1 1 2008-04-27 
3 'Structure model' 1 2 2011-07-13 
4 'Structure model' 1 3 2018-03-14 
5 'Structure model' 1 4 2018-08-29 
6 'Structure model' 1 5 2024-04-10 
# 
_pdbx_audit_revision_details.ordinal             1 
_pdbx_audit_revision_details.revision_ordinal    1 
_pdbx_audit_revision_details.data_content_type   'Structure model' 
_pdbx_audit_revision_details.provider            repository 
_pdbx_audit_revision_details.type                'Initial release' 
_pdbx_audit_revision_details.description         ? 
_pdbx_audit_revision_details.details             ? 
# 
loop_
_pdbx_audit_revision_group.ordinal 
_pdbx_audit_revision_group.revision_ordinal 
_pdbx_audit_revision_group.data_content_type 
_pdbx_audit_revision_group.group 
1 2 'Structure model' 'Version format compliance' 
2 3 'Structure model' 'Version format compliance' 
3 4 'Structure model' 'Database references'       
4 4 'Structure model' 'Derived calculations'      
5 5 'Structure model' 'Data collection'           
6 5 'Structure model' 'Source and taxonomy'       
7 5 'Structure model' 'Structure summary'         
8 6 'Structure model' 'Data collection'           
9 6 'Structure model' 'Database references'       
# 
loop_
_pdbx_audit_revision_category.ordinal 
_pdbx_audit_revision_category.revision_ordinal 
_pdbx_audit_revision_category.data_content_type 
_pdbx_audit_revision_category.category 
1  4 'Structure model' pdbx_struct_assembly  
2  4 'Structure model' pdbx_struct_oper_list 
3  4 'Structure model' struct_ref_seq_dif    
4  5 'Structure model' entity                
5  5 'Structure model' entity_src_nat        
6  5 'Structure model' pdbx_entity_src_syn   
7  5 'Structure model' struct                
8  6 'Structure model' chem_comp_atom        
9  6 'Structure model' chem_comp_bond        
10 6 'Structure model' database_2            
11 6 'Structure model' struct_ref_seq_dif    
# 
loop_
_pdbx_audit_revision_item.ordinal 
_pdbx_audit_revision_item.revision_ordinal 
_pdbx_audit_revision_item.data_content_type 
_pdbx_audit_revision_item.item 
1 4 'Structure model' '_struct_ref_seq_dif.details'         
2 5 'Structure model' '_entity.pdbx_description'            
3 5 'Structure model' '_entity.pdbx_fragment'               
4 5 'Structure model' '_entity.src_method'                  
5 5 'Structure model' '_struct.pdbx_descriptor'             
6 6 'Structure model' '_database_2.pdbx_DOI'                
7 6 'Structure model' '_database_2.pdbx_database_accession' 
8 6 'Structure model' '_struct_ref_seq_dif.details'         
# 
_pdbx_database_status.status_code                     REL 
_pdbx_database_status.entry_id                        1DN3 
_pdbx_database_status.recvd_initial_deposition_date   1999-12-16 
_pdbx_database_status.deposit_site                    RCSB 
_pdbx_database_status.process_site                    RCSB 
_pdbx_database_status.status_code_mr                  REL 
_pdbx_database_status.SG_entry                        . 
_pdbx_database_status.pdb_format_compatible           Y 
_pdbx_database_status.status_code_sf                  ? 
_pdbx_database_status.status_code_cs                  ? 
_pdbx_database_status.methods_development_category    ? 
_pdbx_database_status.status_code_nmr_data            ? 
# 
loop_
_pdbx_database_related.db_name 
_pdbx_database_related.db_id 
_pdbx_database_related.details 
_pdbx_database_related.content_type 
PDB 1RHP 'HUMAN PLATELET FACTOR 4, SEGMENT 56-70'              unspecified 
PDB 1DJF 'MODEL HYDROPHILIC AMPHIPATHIC HELICAL BASIC PEPTIDE' unspecified 
# 
loop_
_audit_author.name 
_audit_author.pdbx_ordinal 
_audit_author.identifier_ORCID 
'Montserret, R.' 1 ? 
'McLeish, M.J.'  2 ? 
'Bockmann, A.'   3 ? 
'Geourjon, C.'   4 ? 
'Penin, F.'      5 ? 
# 
_citation.id                        primary 
_citation.title                     
'Involvement of electrostatic interactions in the mechanism of peptide folding induced by sodium dodecyl sulfate binding.' 
_citation.journal_abbrev            Biochemistry 
_citation.journal_volume            39 
_citation.page_first                8362 
_citation.page_last                 8373 
_citation.year                      2000 
_citation.journal_id_ASTM           BICHAW 
_citation.country                   US 
_citation.journal_id_ISSN           0006-2960 
_citation.journal_id_CSD            0033 
_citation.book_publisher            ? 
_citation.pdbx_database_id_PubMed   10913242 
_citation.pdbx_database_id_DOI      10.1021/bi000208x 
# 
loop_
_citation_author.citation_id 
_citation_author.name 
_citation_author.ordinal 
_citation_author.identifier_ORCID 
primary 'Montserret, R.' 1 ? 
primary 'McLeish, M.J.'  2 ? 
primary 'Bockmann, A.'   3 ? 
primary 'Geourjon, C.'   4 ? 
primary 'Penin, F.'      5 ? 
# 
_entity.id                         1 
_entity.type                       polymer 
_entity.src_method                 syn 
_entity.pdbx_description           'HUMAN PLATELET FACTOR 4, SEGMENT 59-73' 
_entity.formula_weight             1607.890 
_entity.pdbx_number_of_molecules   1 
_entity.pdbx_ec                    ? 
_entity.pdbx_mutation              'L59A I63A, I64A, L68A' 
_entity.pdbx_fragment              ? 
_entity.details                    'CHEMICALLY SYNTHESIZED' 
# 
_entity_poly.entity_id                      1 
_entity_poly.type                           'polypeptide(L)' 
_entity_poly.nstd_linkage                   no 
_entity_poly.nstd_monomer                   no 
_entity_poly.pdbx_seq_one_letter_code       QAPAYKKAAKKLAES 
_entity_poly.pdbx_seq_one_letter_code_can   QAPAYKKAAKKLAES 
_entity_poly.pdbx_strand_id                 A 
_entity_poly.pdbx_target_identifier         ? 
# 
loop_
_entity_poly_seq.entity_id 
_entity_poly_seq.num 
_entity_poly_seq.mon_id 
_entity_poly_seq.hetero 
1 1  GLN n 
1 2  ALA n 
1 3  PRO n 
1 4  ALA n 
1 5  TYR n 
1 6  LYS n 
1 7  LYS n 
1 8  ALA n 
1 9  ALA n 
1 10 LYS n 
1 11 LYS n 
1 12 LEU n 
1 13 ALA n 
1 14 GLU n 
1 15 SER n 
# 
_pdbx_entity_src_syn.entity_id              1 
_pdbx_entity_src_syn.pdbx_src_id            1 
_pdbx_entity_src_syn.pdbx_alt_source_flag   sample 
_pdbx_entity_src_syn.pdbx_beg_seq_num       ? 
_pdbx_entity_src_syn.pdbx_end_seq_num       ? 
_pdbx_entity_src_syn.organism_scientific    'Homo sapiens' 
_pdbx_entity_src_syn.organism_common_name   ? 
_pdbx_entity_src_syn.ncbi_taxonomy_id       9606 
_pdbx_entity_src_syn.details                ? 
# 
loop_
_chem_comp.id 
_chem_comp.type 
_chem_comp.mon_nstd_flag 
_chem_comp.name 
_chem_comp.pdbx_synonyms 
_chem_comp.formula 
_chem_comp.formula_weight 
ALA 'L-peptide linking' y ALANINE         ? 'C3 H7 N O2'     89.093  
GLN 'L-peptide linking' y GLUTAMINE       ? 'C5 H10 N2 O3'   146.144 
GLU 'L-peptide linking' y 'GLUTAMIC ACID' ? 'C5 H9 N O4'     147.129 
ILE 'L-peptide linking' y ISOLEUCINE      ? 'C6 H13 N O2'    131.173 
LEU 'L-peptide linking' y LEUCINE         ? 'C6 H13 N O2'    131.173 
LYS 'L-peptide linking' y LYSINE          ? 'C6 H15 N2 O2 1' 147.195 
PRO 'L-peptide linking' y PROLINE         ? 'C5 H9 N O2'     115.130 
SER 'L-peptide linking' y SERINE          ? 'C3 H7 N O3'     105.093 
TYR 'L-peptide linking' y TYROSINE        ? 'C9 H11 N O3'    181.189 
# 
loop_
_pdbx_poly_seq_scheme.asym_id 
_pdbx_poly_seq_scheme.entity_id 
_pdbx_poly_seq_scheme.seq_id 
_pdbx_poly_seq_scheme.mon_id 
_pdbx_poly_seq_scheme.ndb_seq_num 
_pdbx_poly_seq_scheme.pdb_seq_num 
_pdbx_poly_seq_scheme.auth_seq_num 
_pdbx_poly_seq_scheme.pdb_mon_id 
_pdbx_poly_seq_scheme.auth_mon_id 
_pdbx_poly_seq_scheme.pdb_strand_id 
_pdbx_poly_seq_scheme.pdb_ins_code 
_pdbx_poly_seq_scheme.hetero 
A 1 1  GLN 1  1  1  GLN GLN A . n 
A 1 2  ALA 2  2  2  ALA ALA A . n 
A 1 3  PRO 3  3  3  PRO PRO A . n 
A 1 4  ALA 4  4  4  ALA ALA A . n 
A 1 5  TYR 5  5  5  TYR TYR A . n 
A 1 6  LYS 6  6  6  LYS LYS A . n 
A 1 7  LYS 7  7  7  LYS LYS A . n 
A 1 8  ALA 8  8  8  ALA ALA A . n 
A 1 9  ALA 9  9  9  ALA ALA A . n 
A 1 10 LYS 10 10 10 LYS LYS A . n 
A 1 11 LYS 11 11 11 LYS LYS A . n 
A 1 12 LEU 12 12 12 LEU LEU A . n 
A 1 13 ALA 13 13 13 ALA ALA A . n 
A 1 14 GLU 14 14 14 GLU GLU A . n 
A 1 15 SER 15 15 15 SER SER A . n 
# 
_cell.entry_id           1DN3 
_cell.length_a           1.000 
_cell.length_b           1.000 
_cell.length_c           1.000 
_cell.angle_alpha        90.00 
_cell.angle_beta         90.00 
_cell.angle_gamma        90.00 
_cell.Z_PDB              1 
_cell.pdbx_unique_axis   ? 
# 
_symmetry.entry_id                         1DN3 
_symmetry.space_group_name_H-M             'P 1' 
_symmetry.pdbx_full_space_group_name_H-M   ? 
_symmetry.cell_setting                     ? 
_symmetry.Int_Tables_number                1 
# 
_exptl.entry_id          1DN3 
_exptl.method            'SOLUTION NMR' 
_exptl.crystals_number   ? 
# 
_struct.entry_id                  1DN3 
_struct.title                     'NMR STRUCTURE OF A MODEL HYDROPHILIC AMPHIPATHIC HELICAL BASIC PEPTIDE' 
_struct.pdbx_model_details        ? 
_struct.pdbx_CASP_flag            ? 
_struct.pdbx_model_type_details   'minimized average' 
# 
_struct_keywords.entry_id        1DN3 
_struct_keywords.pdbx_keywords   'DE NOVO PROTEIN' 
_struct_keywords.text            'HYDROPHILIC AMPHIPATHIC BASIC HELIX MODEL, DE NOVO PROTEIN' 
# 
_struct_asym.id                            A 
_struct_asym.pdbx_blank_PDB_chainid_flag   N 
_struct_asym.pdbx_modified                 N 
_struct_asym.entity_id                     1 
_struct_asym.details                       ? 
# 
_struct_ref.id                         1 
_struct_ref.db_name                    UNP 
_struct_ref.db_code                    PLF4_HUMAN 
_struct_ref.entity_id                  1 
_struct_ref.pdbx_db_accession          P02776 
_struct_ref.pdbx_align_begin           ? 
_struct_ref.pdbx_seq_one_letter_code   ? 
_struct_ref.pdbx_db_isoform            ? 
# 
_struct_ref_seq.align_id                      1 
_struct_ref_seq.ref_id                        1 
_struct_ref_seq.pdbx_PDB_id_code              1DN3 
_struct_ref_seq.pdbx_strand_id                A 
_struct_ref_seq.seq_align_beg                 1 
_struct_ref_seq.pdbx_seq_align_beg_ins_code   ? 
_struct_ref_seq.seq_align_end                 15 
_struct_ref_seq.pdbx_seq_align_end_ins_code   ? 
_struct_ref_seq.pdbx_db_accession             P02776 
_struct_ref_seq.db_align_beg                  59 
_struct_ref_seq.pdbx_db_align_beg_ins_code    ? 
_struct_ref_seq.db_align_end                  73 
_struct_ref_seq.pdbx_db_align_end_ins_code    ? 
_struct_ref_seq.pdbx_auth_seq_align_beg       1 
_struct_ref_seq.pdbx_auth_seq_align_end       15 
# 
loop_
_struct_ref_seq_dif.align_id 
_struct_ref_seq_dif.pdbx_pdb_id_code 
_struct_ref_seq_dif.mon_id 
_struct_ref_seq_dif.pdbx_pdb_strand_id 
_struct_ref_seq_dif.seq_num 
_struct_ref_seq_dif.pdbx_pdb_ins_code 
_struct_ref_seq_dif.pdbx_seq_db_name 
_struct_ref_seq_dif.pdbx_seq_db_accession_code 
_struct_ref_seq_dif.db_mon_id 
_struct_ref_seq_dif.pdbx_seq_db_seq_num 
_struct_ref_seq_dif.details 
_struct_ref_seq_dif.pdbx_auth_seq_num 
_struct_ref_seq_dif.pdbx_ordinal 
1 1DN3 ALA A 4  ? UNP P02776 LEU 62 'engineered mutation' 4  1 
1 1DN3 ALA A 8  ? UNP P02776 ILE 66 'engineered mutation' 8  2 
1 1DN3 ALA A 9  ? UNP P02776 ILE 67 'engineered mutation' 9  3 
1 1DN3 ALA A 13 ? UNP P02776 LEU 71 'engineered mutation' 13 4 
# 
_pdbx_struct_assembly.id                   1 
_pdbx_struct_assembly.details              author_defined_assembly 
_pdbx_struct_assembly.method_details       ? 
_pdbx_struct_assembly.oligomeric_details   monomeric 
_pdbx_struct_assembly.oligomeric_count     1 
# 
_pdbx_struct_assembly_gen.assembly_id       1 
_pdbx_struct_assembly_gen.oper_expression   1 
_pdbx_struct_assembly_gen.asym_id_list      A 
# 
_pdbx_struct_oper_list.id                   1 
_pdbx_struct_oper_list.type                 'identity operation' 
_pdbx_struct_oper_list.name                 1_555 
_pdbx_struct_oper_list.symmetry_operation   ? 
_pdbx_struct_oper_list.matrix[1][1]         1.0000000000 
_pdbx_struct_oper_list.matrix[1][2]         0.0000000000 
_pdbx_struct_oper_list.matrix[1][3]         0.0000000000 
_pdbx_struct_oper_list.vector[1]            0.0000000000 
_pdbx_struct_oper_list.matrix[2][1]         0.0000000000 
_pdbx_struct_oper_list.matrix[2][2]         1.0000000000 
_pdbx_struct_oper_list.matrix[2][3]         0.0000000000 
_pdbx_struct_oper_list.vector[2]            0.0000000000 
_pdbx_struct_oper_list.matrix[3][1]         0.0000000000 
_pdbx_struct_oper_list.matrix[3][2]         0.0000000000 
_pdbx_struct_oper_list.matrix[3][3]         1.0000000000 
_pdbx_struct_oper_list.vector[3]            0.0000000000 
# 
_struct_conf.conf_type_id            HELX_P 
_struct_conf.id                      HELX_P1 
_struct_conf.pdbx_PDB_helix_id       1 
_struct_conf.beg_label_comp_id       PRO 
_struct_conf.beg_label_asym_id       A 
_struct_conf.beg_label_seq_id        3 
_struct_conf.pdbx_beg_PDB_ins_code   ? 
_struct_conf.end_label_comp_id       GLU 
_struct_conf.end_label_asym_id       A 
_struct_conf.end_label_seq_id        14 
_struct_conf.pdbx_end_PDB_ins_code   ? 
_struct_conf.beg_auth_comp_id        PRO 
_struct_conf.beg_auth_asym_id        A 
_struct_conf.beg_auth_seq_id         3 
_struct_conf.end_auth_comp_id        GLU 
_struct_conf.end_auth_asym_id        A 
_struct_conf.end_auth_seq_id         14 
_struct_conf.pdbx_PDB_helix_class    1 
_struct_conf.details                 ? 
_struct_conf.pdbx_PDB_helix_length   12 
# 
_struct_conf_type.id          HELX_P 
_struct_conf_type.criteria    ? 
_struct_conf_type.reference   ? 
# 
_pdbx_validate_torsion.id              1 
_pdbx_validate_torsion.PDB_model_num   1 
_pdbx_validate_torsion.auth_comp_id    PRO 
_pdbx_validate_torsion.auth_asym_id    A 
_pdbx_validate_torsion.auth_seq_id     3 
_pdbx_validate_torsion.PDB_ins_code    ? 
_pdbx_validate_torsion.label_alt_id    ? 
_pdbx_validate_torsion.phi             -58.92 
_pdbx_validate_torsion.psi             -9.48 
# 
_pdbx_nmr_ensemble.entry_id                                      1DN3 
_pdbx_nmr_ensemble.conformers_calculated_total_number            50 
_pdbx_nmr_ensemble.conformers_submitted_total_number             1 
_pdbx_nmr_ensemble.conformer_selection_criteria                  
;BACK CALCULATED DATA AGREE WITH EXPERIMENTAL NOESY SPECTRUM,STRUCTURES WITH THE LEAST RESTRAINT VIOLATIONS,STRUCTURES WITH THE LOWEST ENERGY
;
_pdbx_nmr_ensemble.average_constraints_per_residue               ? 
_pdbx_nmr_ensemble.average_constraint_violations_per_residue     ? 
_pdbx_nmr_ensemble.maximum_distance_constraint_violation         ? 
_pdbx_nmr_ensemble.average_distance_constraint_violation         ? 
_pdbx_nmr_ensemble.maximum_upper_distance_constraint_violation   ? 
_pdbx_nmr_ensemble.maximum_lower_distance_constraint_violation   ? 
_pdbx_nmr_ensemble.distance_constraint_violation_method          ? 
_pdbx_nmr_ensemble.maximum_torsion_angle_constraint_violation    ? 
_pdbx_nmr_ensemble.average_torsion_angle_constraint_violation    ? 
_pdbx_nmr_ensemble.torsion_angle_constraint_violation_method     ? 
# 
_pdbx_nmr_representative.entry_id             1DN3 
_pdbx_nmr_representative.conformer_id         1 
_pdbx_nmr_representative.selection_criteria   'minimized average structure' 
# 
_pdbx_nmr_sample_details.solution_id      1 
_pdbx_nmr_sample_details.contents         '40 MM D25 SODIUM DODECYL SULFATE 98% 10 MM SODIUM PHOSPHATE BUFFER PH 6.0' 
_pdbx_nmr_sample_details.solvent_system   ? 
# 
_pdbx_nmr_exptl_sample_conditions.conditions_id       1 
_pdbx_nmr_exptl_sample_conditions.temperature         293 
_pdbx_nmr_exptl_sample_conditions.pressure            AMBIENT 
_pdbx_nmr_exptl_sample_conditions.pH                  6.0 
_pdbx_nmr_exptl_sample_conditions.ionic_strength      ? 
_pdbx_nmr_exptl_sample_conditions.pressure_units      ? 
_pdbx_nmr_exptl_sample_conditions.temperature_units   K 
# 
loop_
_pdbx_nmr_exptl.experiment_id 
_pdbx_nmr_exptl.conditions_id 
_pdbx_nmr_exptl.type 
_pdbx_nmr_exptl.solution_id 
1 1 NOESY               1 
2 1 'DQF COSY'          1 
3 1 TOCSY               1 
4 1 '1H 13C HSQC'       1 
5 1 '1H 13C HSQC TOCSY' 1 
# 
_pdbx_nmr_details.entry_id   1DN3 
_pdbx_nmr_details.text       'THIS STRUCTURE WAS DETERMINED USING STANDARD 2D HOMONUCLEAR AND 1H-13C HETERONUCLEAR METHODS' 
# 
loop_
_pdbx_nmr_software.classification 
_pdbx_nmr_software.name 
_pdbx_nmr_software.version 
_pdbx_nmr_software.authors 
_pdbx_nmr_software.ordinal 
collection           VNMR   6.1 'VARIAN INC.'   1 
'structure solution' X-PLOR 3.1 'BRUNGER, A.T.' 2 
refinement           X-PLOR 3.1 'BRUNGER, A.T.' 3 
# 
loop_
_chem_comp_atom.comp_id 
_chem_comp_atom.atom_id 
_chem_comp_atom.type_symbol 
_chem_comp_atom.pdbx_aromatic_flag 
_chem_comp_atom.pdbx_stereo_config 
_chem_comp_atom.pdbx_ordinal 
ALA N    N N N 1   
ALA CA   C N S 2   
ALA C    C N N 3   
ALA O    O N N 4   
ALA CB   C N N 5   
ALA OXT  O N N 6   
ALA H    H N N 7   
ALA H2   H N N 8   
ALA HA   H N N 9   
ALA HB1  H N N 10  
ALA HB2  H N N 11  
ALA HB3  H N N 12  
ALA HXT  H N N 13  
GLN N    N N N 14  
GLN CA   C N S 15  
GLN C    C N N 16  
GLN O    O N N 17  
GLN CB   C N N 18  
GLN CG   C N N 19  
GLN CD   C N N 20  
GLN OE1  O N N 21  
GLN NE2  N N N 22  
GLN OXT  O N N 23  
GLN H    H N N 24  
GLN H2   H N N 25  
GLN HA   H N N 26  
GLN HB2  H N N 27  
GLN HB3  H N N 28  
GLN HG2  H N N 29  
GLN HG3  H N N 30  
GLN HE21 H N N 31  
GLN HE22 H N N 32  
GLN HXT  H N N 33  
GLU N    N N N 34  
GLU CA   C N S 35  
GLU C    C N N 36  
GLU O    O N N 37  
GLU CB   C N N 38  
GLU CG   C N N 39  
GLU CD   C N N 40  
GLU OE1  O N N 41  
GLU OE2  O N N 42  
GLU OXT  O N N 43  
GLU H    H N N 44  
GLU H2   H N N 45  
GLU HA   H N N 46  
GLU HB2  H N N 47  
GLU HB3  H N N 48  
GLU HG2  H N N 49  
GLU HG3  H N N 50  
GLU HE2  H N N 51  
GLU HXT  H N N 52  
ILE N    N N N 53  
ILE CA   C N S 54  
ILE C    C N N 55  
ILE O    O N N 56  
ILE CB   C N S 57  
ILE CG1  C N N 58  
ILE CG2  C N N 59  
ILE CD1  C N N 60  
ILE OXT  O N N 61  
ILE H    H N N 62  
ILE H2   H N N 63  
ILE HA   H N N 64  
ILE HB   H N N 65  
ILE HG12 H N N 66  
ILE HG13 H N N 67  
ILE HG21 H N N 68  
ILE HG22 H N N 69  
ILE HG23 H N N 70  
ILE HD11 H N N 71  
ILE HD12 H N N 72  
ILE HD13 H N N 73  
ILE HXT  H N N 74  
LEU N    N N N 75  
LEU CA   C N S 76  
LEU C    C N N 77  
LEU O    O N N 78  
LEU CB   C N N 79  
LEU CG   C N N 80  
LEU CD1  C N N 81  
LEU CD2  C N N 82  
LEU OXT  O N N 83  
LEU H    H N N 84  
LEU H2   H N N 85  
LEU HA   H N N 86  
LEU HB2  H N N 87  
LEU HB3  H N N 88  
LEU HG   H N N 89  
LEU HD11 H N N 90  
LEU HD12 H N N 91  
LEU HD13 H N N 92  
LEU HD21 H N N 93  
LEU HD22 H N N 94  
LEU HD23 H N N 95  
LEU HXT  H N N 96  
LYS N    N N N 97  
LYS CA   C N S 98  
LYS C    C N N 99  
LYS O    O N N 100 
LYS CB   C N N 101 
LYS CG   C N N 102 
LYS CD   C N N 103 
LYS CE   C N N 104 
LYS NZ   N N N 105 
LYS OXT  O N N 106 
LYS H    H N N 107 
LYS H2   H N N 108 
LYS HA   H N N 109 
LYS HB2  H N N 110 
LYS HB3  H N N 111 
LYS HG2  H N N 112 
LYS HG3  H N N 113 
LYS HD2  H N N 114 
LYS HD3  H N N 115 
LYS HE2  H N N 116 
LYS HE3  H N N 117 
LYS HZ1  H N N 118 
LYS HZ2  H N N 119 
LYS HZ3  H N N 120 
LYS HXT  H N N 121 
PRO N    N N N 122 
PRO CA   C N S 123 
PRO C    C N N 124 
PRO O    O N N 125 
PRO CB   C N N 126 
PRO CG   C N N 127 
PRO CD   C N N 128 
PRO OXT  O N N 129 
PRO H    H N N 130 
PRO HA   H N N 131 
PRO HB2  H N N 132 
PRO HB3  H N N 133 
PRO HG2  H N N 134 
PRO HG3  H N N 135 
PRO HD2  H N N 136 
PRO HD3  H N N 137 
PRO HXT  H N N 138 
SER N    N N N 139 
SER CA   C N S 140 
SER C    C N N 141 
SER O    O N N 142 
SER CB   C N N 143 
SER OG   O N N 144 
SER OXT  O N N 145 
SER H    H N N 146 
SER H2   H N N 147 
SER HA   H N N 148 
SER HB2  H N N 149 
SER HB3  H N N 150 
SER HG   H N N 151 
SER HXT  H N N 152 
TYR N    N N N 153 
TYR CA   C N S 154 
TYR C    C N N 155 
TYR O    O N N 156 
TYR CB   C N N 157 
TYR CG   C Y N 158 
TYR CD1  C Y N 159 
TYR CD2  C Y N 160 
TYR CE1  C Y N 161 
TYR CE2  C Y N 162 
TYR CZ   C Y N 163 
TYR OH   O N N 164 
TYR OXT  O N N 165 
TYR H    H N N 166 
TYR H2   H N N 167 
TYR HA   H N N 168 
TYR HB2  H N N 169 
TYR HB3  H N N 170 
TYR HD1  H N N 171 
TYR HD2  H N N 172 
TYR HE1  H N N 173 
TYR HE2  H N N 174 
TYR HH   H N N 175 
TYR HXT  H N N 176 
# 
loop_
_chem_comp_bond.comp_id 
_chem_comp_bond.atom_id_1 
_chem_comp_bond.atom_id_2 
_chem_comp_bond.value_order 
_chem_comp_bond.pdbx_aromatic_flag 
_chem_comp_bond.pdbx_stereo_config 
_chem_comp_bond.pdbx_ordinal 
ALA N   CA   sing N N 1   
ALA N   H    sing N N 2   
ALA N   H2   sing N N 3   
ALA CA  C    sing N N 4   
ALA CA  CB   sing N N 5   
ALA CA  HA   sing N N 6   
ALA C   O    doub N N 7   
ALA C   OXT  sing N N 8   
ALA CB  HB1  sing N N 9   
ALA CB  HB2  sing N N 10  
ALA CB  HB3  sing N N 11  
ALA OXT HXT  sing N N 12  
GLN N   CA   sing N N 13  
GLN N   H    sing N N 14  
GLN N   H2   sing N N 15  
GLN CA  C    sing N N 16  
GLN CA  CB   sing N N 17  
GLN CA  HA   sing N N 18  
GLN C   O    doub N N 19  
GLN C   OXT  sing N N 20  
GLN CB  CG   sing N N 21  
GLN CB  HB2  sing N N 22  
GLN CB  HB3  sing N N 23  
GLN CG  CD   sing N N 24  
GLN CG  HG2  sing N N 25  
GLN CG  HG3  sing N N 26  
GLN CD  OE1  doub N N 27  
GLN CD  NE2  sing N N 28  
GLN NE2 HE21 sing N N 29  
GLN NE2 HE22 sing N N 30  
GLN OXT HXT  sing N N 31  
GLU N   CA   sing N N 32  
GLU N   H    sing N N 33  
GLU N   H2   sing N N 34  
GLU CA  C    sing N N 35  
GLU CA  CB   sing N N 36  
GLU CA  HA   sing N N 37  
GLU C   O    doub N N 38  
GLU C   OXT  sing N N 39  
GLU CB  CG   sing N N 40  
GLU CB  HB2  sing N N 41  
GLU CB  HB3  sing N N 42  
GLU CG  CD   sing N N 43  
GLU CG  HG2  sing N N 44  
GLU CG  HG3  sing N N 45  
GLU CD  OE1  doub N N 46  
GLU CD  OE2  sing N N 47  
GLU OE2 HE2  sing N N 48  
GLU OXT HXT  sing N N 49  
ILE N   CA   sing N N 50  
ILE N   H    sing N N 51  
ILE N   H2   sing N N 52  
ILE CA  C    sing N N 53  
ILE CA  CB   sing N N 54  
ILE CA  HA   sing N N 55  
ILE C   O    doub N N 56  
ILE C   OXT  sing N N 57  
ILE CB  CG1  sing N N 58  
ILE CB  CG2  sing N N 59  
ILE CB  HB   sing N N 60  
ILE CG1 CD1  sing N N 61  
ILE CG1 HG12 sing N N 62  
ILE CG1 HG13 sing N N 63  
ILE CG2 HG21 sing N N 64  
ILE CG2 HG22 sing N N 65  
ILE CG2 HG23 sing N N 66  
ILE CD1 HD11 sing N N 67  
ILE CD1 HD12 sing N N 68  
ILE CD1 HD13 sing N N 69  
ILE OXT HXT  sing N N 70  
LEU N   CA   sing N N 71  
LEU N   H    sing N N 72  
LEU N   H2   sing N N 73  
LEU CA  C    sing N N 74  
LEU CA  CB   sing N N 75  
LEU CA  HA   sing N N 76  
LEU C   O    doub N N 77  
LEU C   OXT  sing N N 78  
LEU CB  CG   sing N N 79  
LEU CB  HB2  sing N N 80  
LEU CB  HB3  sing N N 81  
LEU CG  CD1  sing N N 82  
LEU CG  CD2  sing N N 83  
LEU CG  HG   sing N N 84  
LEU CD1 HD11 sing N N 85  
LEU CD1 HD12 sing N N 86  
LEU CD1 HD13 sing N N 87  
LEU CD2 HD21 sing N N 88  
LEU CD2 HD22 sing N N 89  
LEU CD2 HD23 sing N N 90  
LEU OXT HXT  sing N N 91  
LYS N   CA   sing N N 92  
LYS N   H    sing N N 93  
LYS N   H2   sing N N 94  
LYS CA  C    sing N N 95  
LYS CA  CB   sing N N 96  
LYS CA  HA   sing N N 97  
LYS C   O    doub N N 98  
LYS C   OXT  sing N N 99  
LYS CB  CG   sing N N 100 
LYS CB  HB2  sing N N 101 
LYS CB  HB3  sing N N 102 
LYS CG  CD   sing N N 103 
LYS CG  HG2  sing N N 104 
LYS CG  HG3  sing N N 105 
LYS CD  CE   sing N N 106 
LYS CD  HD2  sing N N 107 
LYS CD  HD3  sing N N 108 
LYS CE  NZ   sing N N 109 
LYS CE  HE2  sing N N 110 
LYS CE  HE3  sing N N 111 
LYS NZ  HZ1  sing N N 112 
LYS NZ  HZ2  sing N N 113 
LYS NZ  HZ3  sing N N 114 
LYS OXT HXT  sing N N 115 
PRO N   CA   sing N N 116 
PRO N   CD   sing N N 117 
PRO N   H    sing N N 118 
PRO CA  C    sing N N 119 
PRO CA  CB   sing N N 120 
PRO CA  HA   sing N N 121 
PRO C   O    doub N N 122 
PRO C   OXT  sing N N 123 
PRO CB  CG   sing N N 124 
PRO CB  HB2  sing N N 125 
PRO CB  HB3  sing N N 126 
PRO CG  CD   sing N N 127 
PRO CG  HG2  sing N N 128 
PRO CG  HG3  sing N N 129 
PRO CD  HD2  sing N N 130 
PRO CD  HD3  sing N N 131 
PRO OXT HXT  sing N N 132 
SER N   CA   sing N N 133 
SER N   H    sing N N 134 
SER N   H2   sing N N 135 
SER CA  C    sing N N 136 
SER CA  CB   sing N N 137 
SER CA  HA   sing N N 138 
SER C   O    doub N N 139 
SER C   OXT  sing N N 140 
SER CB  OG   sing N N 141 
SER CB  HB2  sing N N 142 
SER CB  HB3  sing N N 143 
SER OG  HG   sing N N 144 
SER OXT HXT  sing N N 145 
TYR N   CA   sing N N 146 
TYR N   H    sing N N 147 
TYR N   H2   sing N N 148 
TYR CA  C    sing N N 149 
TYR CA  CB   sing N N 150 
TYR CA  HA   sing N N 151 
TYR C   O    doub N N 152 
TYR C   OXT  sing N N 153 
TYR CB  CG   sing N N 154 
TYR CB  HB2  sing N N 155 
TYR CB  HB3  sing N N 156 
TYR CG  CD1  doub Y N 157 
TYR CG  CD2  sing Y N 158 
TYR CD1 CE1  sing Y N 159 
TYR CD1 HD1  sing N N 160 
TYR CD2 CE2  doub Y N 161 
TYR CD2 HD2  sing N N 162 
TYR CE1 CZ   doub Y N 163 
TYR CE1 HE1  sing N N 164 
TYR CE2 CZ   sing Y N 165 
TYR CE2 HE2  sing N N 166 
TYR CZ  OH   sing N N 167 
TYR OH  HH   sing N N 168 
TYR OXT HXT  sing N N 169 
# 
_pdbx_nmr_spectrometer.spectrometer_id   1 
_pdbx_nmr_spectrometer.model             UNITYPLUS 
_pdbx_nmr_spectrometer.manufacturer      Varian 
_pdbx_nmr_spectrometer.field_strength    500 
_pdbx_nmr_spectrometer.type              ? 
# 
_atom_sites.entry_id                    1DN3 
_atom_sites.fract_transf_matrix[1][1]   1.000000 
_atom_sites.fract_transf_matrix[1][2]   0.000000 
_atom_sites.fract_transf_matrix[1][3]   0.000000 
_atom_sites.fract_transf_matrix[2][1]   0.000000 
_atom_sites.fract_transf_matrix[2][2]   1.000000 
_atom_sites.fract_transf_matrix[2][3]   0.000000 
_atom_sites.fract_transf_matrix[3][1]   0.000000 
_atom_sites.fract_transf_matrix[3][2]   0.000000 
_atom_sites.fract_transf_matrix[3][3]   1.000000 
_atom_sites.fract_transf_vector[1]      0.00000 
_atom_sites.fract_transf_vector[2]      0.00000 
_atom_sites.fract_transf_vector[3]      0.00000 
# 
loop_
_atom_type.symbol 
C 
H 
N 
O 
# 
loop_
_atom_site.group_PDB 
_atom_site.id 
_atom_site.type_symbol 
_atom_site.label_atom_id 
_atom_site.label_alt_id 
_atom_site.label_comp_id 
_atom_site.label_asym_id 
_atom_site.label_entity_id 
_atom_site.label_seq_id 
_atom_site.pdbx_PDB_ins_code 
_atom_site.Cartn_x 
_atom_site.Cartn_y 
_atom_site.Cartn_z 
_atom_site.occupancy 
_atom_site.B_iso_or_equiv 
_atom_site.pdbx_formal_charge 
_atom_site.auth_seq_id 
_atom_site.auth_comp_id 
_atom_site.auth_asym_id 
_atom_site.auth_atom_id 
_atom_site.pdbx_PDB_model_num 
ATOM 1   N N    . GLN A 1 1  ? -0.108 -11.465 6.147  1.00 5.26 ? 1  GLN A N    1 
ATOM 2   C CA   . GLN A 1 1  ? -0.404 -10.375 5.166  1.00 4.27 ? 1  GLN A CA   1 
ATOM 3   C C    . GLN A 1 1  ? 0.005  -9.009  5.745  1.00 3.16 ? 1  GLN A C    1 
ATOM 4   O O    . GLN A 1 1  ? -0.766 -8.066  5.743  1.00 3.25 ? 1  GLN A O    1 
ATOM 5   C CB   . GLN A 1 1  ? -1.920 -10.446 4.944  1.00 4.55 ? 1  GLN A CB   1 
ATOM 6   C CG   . GLN A 1 1  ? -2.268 -9.861  3.572  1.00 5.21 ? 1  GLN A CG   1 
ATOM 7   C CD   . GLN A 1 1  ? -3.748 -9.471  3.543  1.00 6.05 ? 1  GLN A CD   1 
ATOM 8   O OE1  . GLN A 1 1  ? -4.191 -8.668  4.339  1.00 6.46 ? 1  GLN A OE1  1 
ATOM 9   N NE2  . GLN A 1 1  ? -4.538 -10.009 2.654  1.00 6.63 ? 1  GLN A NE2  1 
ATOM 10  H H1   . GLN A 1 1  ? -0.522 -12.359 5.813  1.00 5.64 ? 1  GLN A H1   1 
ATOM 11  H H2   . GLN A 1 1  ? -0.515 -11.218 7.073  1.00 5.62 ? 1  GLN A H2   1 
ATOM 12  H H3   . GLN A 1 1  ? 0.921  -11.578 6.241  1.00 5.55 ? 1  GLN A H3   1 
ATOM 13  H HA   . GLN A 1 1  ? 0.113  -10.557 4.236  1.00 4.58 ? 1  GLN A HA   1 
ATOM 14  H HB2  . GLN A 1 1  ? -2.242 -11.476 4.987  1.00 5.13 ? 1  GLN A HB2  1 
ATOM 15  H HB3  . GLN A 1 1  ? -2.424 -9.878  5.713  1.00 4.12 ? 1  GLN A HB3  1 
ATOM 16  H HG2  . GLN A 1 1  ? -1.661 -8.986  3.390  1.00 5.13 ? 1  GLN A HG2  1 
ATOM 17  H HG3  . GLN A 1 1  ? -2.076 -10.598 2.807  1.00 5.55 ? 1  GLN A HG3  1 
ATOM 18  H HE21 . GLN A 1 1  ? -4.183 -10.658 2.011  1.00 6.57 ? 1  GLN A HE21 1 
ATOM 19  H HE22 . GLN A 1 1  ? -5.487 -9.764  2.630  1.00 7.29 ? 1  GLN A HE22 1 
ATOM 20  N N    . ALA A 1 2  ? 1.214  -8.899  6.244  1.00 2.70 ? 2  ALA A N    1 
ATOM 21  C CA   . ALA A 1 2  ? 1.679  -7.601  6.828  1.00 2.14 ? 2  ALA A CA   1 
ATOM 22  C C    . ALA A 1 2  ? 1.931  -6.543  5.746  1.00 0.98 ? 2  ALA A C    1 
ATOM 23  O O    . ALA A 1 2  ? 1.484  -5.426  5.892  1.00 1.20 ? 2  ALA A O    1 
ATOM 24  C CB   . ALA A 1 2  ? 2.982  -7.912  7.552  1.00 3.20 ? 2  ALA A CB   1 
ATOM 25  H H    . ALA A 1 2  ? 1.815  -9.672  6.236  1.00 3.23 ? 2  ALA A H    1 
ATOM 26  H HA   . ALA A 1 2  ? 0.953  -7.234  7.537  1.00 2.55 ? 2  ALA A HA   1 
ATOM 27  H HB1  . ALA A 1 2  ? 3.086  -7.246  8.396  1.00 3.63 ? 2  ALA A HB1  1 
ATOM 28  H HB2  . ALA A 1 2  ? 3.810  -7.766  6.875  1.00 3.68 ? 2  ALA A HB2  1 
ATOM 29  H HB3  . ALA A 1 2  ? 2.968  -8.933  7.896  1.00 3.60 ? 2  ALA A HB3  1 
ATOM 30  N N    . PRO A 1 3  ? 2.641  -6.909  4.688  1.00 1.05 ? 3  PRO A N    1 
ATOM 31  C CA   . PRO A 1 3  ? 2.938  -5.931  3.606  1.00 1.64 ? 3  PRO A CA   1 
ATOM 32  C C    . PRO A 1 3  ? 1.656  -5.367  2.986  1.00 1.83 ? 3  PRO A C    1 
ATOM 33  O O    . PRO A 1 3  ? 1.698  -4.399  2.255  1.00 2.61 ? 3  PRO A O    1 
ATOM 34  C CB   . PRO A 1 3  ? 3.776  -6.725  2.609  1.00 2.66 ? 3  PRO A CB   1 
ATOM 35  C CG   . PRO A 1 3  ? 3.426  -8.144  2.885  1.00 2.81 ? 3  PRO A CG   1 
ATOM 36  C CD   . PRO A 1 3  ? 3.210  -8.226  4.373  1.00 2.03 ? 3  PRO A CD   1 
ATOM 37  H HA   . PRO A 1 3  ? 3.528  -5.125  4.005  1.00 1.83 ? 3  PRO A HA   1 
ATOM 38  H HB2  . PRO A 1 3  ? 3.510  -6.456  1.596  1.00 3.42 ? 3  PRO A HB2  1 
ATOM 39  H HB3  . PRO A 1 3  ? 4.828  -6.562  2.782  1.00 2.77 ? 3  PRO A HB3  1 
ATOM 40  H HG2  . PRO A 1 3  ? 2.523  -8.412  2.357  1.00 3.42 ? 3  PRO A HG2  1 
ATOM 41  H HG3  . PRO A 1 3  ? 4.238  -8.790  2.599  1.00 3.23 ? 3  PRO A HG3  1 
ATOM 42  H HD2  . PRO A 1 3  ? 2.516  -9.016  4.605  1.00 2.63 ? 3  PRO A HD2  1 
ATOM 43  H HD3  . PRO A 1 3  ? 4.145  -8.366  4.891  1.00 2.00 ? 3  PRO A HD3  1 
ATOM 44  N N    . ALA A 1 4  ? 0.511  -5.914  3.312  1.00 1.28 ? 4  ALA A N    1 
ATOM 45  C CA   . ALA A 1 4  ? -0.752 -5.337  2.782  1.00 1.50 ? 4  ALA A CA   1 
ATOM 46  C C    . ALA A 1 4  ? -0.866 -3.895  3.299  1.00 1.26 ? 4  ALA A C    1 
ATOM 47  O O    . ALA A 1 4  ? -1.432 -3.034  2.652  1.00 1.25 ? 4  ALA A O    1 
ATOM 48  C CB   . ALA A 1 4  ? -1.874 -6.207  3.349  1.00 1.79 ? 4  ALA A CB   1 
ATOM 49  H H    . ALA A 1 4  ? 0.482  -6.667  3.934  1.00 0.92 ? 4  ALA A H    1 
ATOM 50  H HA   . ALA A 1 4  ? -0.759 -5.362  1.705  1.00 1.68 ? 4  ALA A HA   1 
ATOM 51  H HB1  . ALA A 1 4  ? -1.852 -7.176  2.877  1.00 2.03 ? 4  ALA A HB1  1 
ATOM 52  H HB2  . ALA A 1 4  ? -2.827 -5.734  3.158  1.00 2.06 ? 4  ALA A HB2  1 
ATOM 53  H HB3  . ALA A 1 4  ? -1.737 -6.321  4.414  1.00 2.25 ? 4  ALA A HB3  1 
ATOM 54  N N    . TYR A 1 5  ? -0.301 -3.634  4.464  1.00 1.20 ? 5  TYR A N    1 
ATOM 55  C CA   . TYR A 1 5  ? -0.335 -2.257  5.042  1.00 1.14 ? 5  TYR A CA   1 
ATOM 56  C C    . TYR A 1 5  ? 0.509  -1.310  4.181  1.00 0.93 ? 5  TYR A C    1 
ATOM 57  O O    . TYR A 1 5  ? 0.141  -0.173  3.949  1.00 0.93 ? 5  TYR A O    1 
ATOM 58  C CB   . TYR A 1 5  ? 0.234  -2.400  6.475  1.00 1.43 ? 5  TYR A CB   1 
ATOM 59  C CG   . TYR A 1 5  ? 1.679  -1.931  6.559  1.00 1.37 ? 5  TYR A CG   1 
ATOM 60  C CD1  . TYR A 1 5  ? 1.980  -0.563  6.525  1.00 1.80 ? 5  TYR A CD1  1 
ATOM 61  C CD2  . TYR A 1 5  ? 2.714  -2.868  6.674  1.00 2.02 ? 5  TYR A CD2  1 
ATOM 62  C CE1  . TYR A 1 5  ? 3.312  -0.137  6.603  1.00 2.16 ? 5  TYR A CE1  1 
ATOM 63  C CE2  . TYR A 1 5  ? 4.043  -2.442  6.752  1.00 2.33 ? 5  TYR A CE2  1 
ATOM 64  C CZ   . TYR A 1 5  ? 4.344  -1.077  6.715  1.00 2.15 ? 5  TYR A CZ   1 
ATOM 65  O OH   . TYR A 1 5  ? 5.656  -0.655  6.793  1.00 2.72 ? 5  TYR A OH   1 
ATOM 66  H H    . TYR A 1 5  ? 0.160  -4.349  4.951  1.00 1.33 ? 5  TYR A H    1 
ATOM 67  H HA   . TYR A 1 5  ? -1.347 -1.906  5.088  1.00 1.19 ? 5  TYR A HA   1 
ATOM 68  H HB2  . TYR A 1 5  ? -0.364 -1.812  7.153  1.00 1.64 ? 5  TYR A HB2  1 
ATOM 69  H HB3  . TYR A 1 5  ? 0.183  -3.438  6.773  1.00 1.92 ? 5  TYR A HB3  1 
ATOM 70  H HD1  . TYR A 1 5  ? 1.186  0.162   6.436  1.00 2.39 ? 5  TYR A HD1  1 
ATOM 71  H HD2  . TYR A 1 5  ? 2.487  -3.919  6.706  1.00 2.69 ? 5  TYR A HD2  1 
ATOM 72  H HE1  . TYR A 1 5  ? 3.541  0.915   6.574  1.00 2.87 ? 5  TYR A HE1  1 
ATOM 73  H HE2  . TYR A 1 5  ? 4.838  -3.170  6.837  1.00 3.10 ? 5  TYR A HE2  1 
ATOM 74  H HH   . TYR A 1 5  ? 5.789  -0.252  7.656  1.00 2.95 ? 5  TYR A HH   1 
ATOM 75  N N    . LYS A 1 6  ? 1.638  -1.775  3.707  1.00 0.94 ? 6  LYS A N    1 
ATOM 76  C CA   . LYS A 1 6  ? 2.512  -0.904  2.861  1.00 0.99 ? 6  LYS A CA   1 
ATOM 77  C C    . LYS A 1 6  ? 2.043  -0.932  1.399  1.00 0.99 ? 6  LYS A C    1 
ATOM 78  O O    . LYS A 1 6  ? 2.240  0.017   0.664  1.00 1.13 ? 6  LYS A O    1 
ATOM 79  C CB   . LYS A 1 6  ? 3.941  -1.464  3.000  1.00 1.28 ? 6  LYS A CB   1 
ATOM 80  C CG   . LYS A 1 6  ? 3.976  -2.948  2.613  1.00 1.70 ? 6  LYS A CG   1 
ATOM 81  C CD   . LYS A 1 6  ? 5.419  -3.457  2.594  1.00 1.87 ? 6  LYS A CD   1 
ATOM 82  C CE   . LYS A 1 6  ? 5.968  -3.518  4.025  1.00 2.46 ? 6  LYS A CE   1 
ATOM 83  N NZ   . LYS A 1 6  ? 7.249  -4.280  3.919  1.00 3.09 ? 6  LYS A NZ   1 
ATOM 84  H H    . LYS A 1 6  ? 1.907  -2.699  3.908  1.00 1.04 ? 6  LYS A H    1 
ATOM 85  H HA   . LYS A 1 6  ? 2.481  0.106   3.234  1.00 1.01 ? 6  LYS A HA   1 
ATOM 86  H HB2  . LYS A 1 6  ? 4.605  -0.910  2.353  1.00 1.85 ? 6  LYS A HB2  1 
ATOM 87  H HB3  . LYS A 1 6  ? 4.268  -1.355  4.023  1.00 1.54 ? 6  LYS A HB3  1 
ATOM 88  H HG2  . LYS A 1 6  ? 3.408  -3.516  3.331  1.00 2.14 ? 6  LYS A HG2  1 
ATOM 89  H HG3  . LYS A 1 6  ? 3.541  -3.073  1.633  1.00 2.31 ? 6  LYS A HG3  1 
ATOM 90  H HD2  . LYS A 1 6  ? 5.440  -4.447  2.160  1.00 2.12 ? 6  LYS A HD2  1 
ATOM 91  H HD3  . LYS A 1 6  ? 6.027  -2.792  2.004  1.00 2.17 ? 6  LYS A HD3  1 
ATOM 92  H HE2  . LYS A 1 6  ? 6.151  -2.519  4.398  1.00 2.79 ? 6  LYS A HE2  1 
ATOM 93  H HE3  . LYS A 1 6  ? 5.279  -4.041  4.670  1.00 2.63 ? 6  LYS A HE3  1 
ATOM 94  H HZ1  . LYS A 1 6  ? 7.822  -4.115  4.771  1.00 3.62 ? 6  LYS A HZ1  1 
ATOM 95  H HZ2  . LYS A 1 6  ? 7.778  -3.961  3.080  1.00 3.30 ? 6  LYS A HZ2  1 
ATOM 96  H HZ3  . LYS A 1 6  ? 7.043  -5.295  3.834  1.00 3.29 ? 6  LYS A HZ3  1 
ATOM 97  N N    . LYS A 1 7  ? 1.411  -2.003  0.977  1.00 1.03 ? 7  LYS A N    1 
ATOM 98  C CA   . LYS A 1 7  ? 0.915  -2.077  -0.432 1.00 1.23 ? 7  LYS A CA   1 
ATOM 99  C C    . LYS A 1 7  ? -0.225 -1.072  -0.625 1.00 1.06 ? 7  LYS A C    1 
ATOM 100 O O    . LYS A 1 7  ? -0.245 -0.321  -1.582 1.00 1.17 ? 7  LYS A O    1 
ATOM 101 C CB   . LYS A 1 7  ? 0.407  -3.512  -0.609 1.00 1.55 ? 7  LYS A CB   1 
ATOM 102 C CG   . LYS A 1 7  ? 1.313  -4.262  -1.589 1.00 2.35 ? 7  LYS A CG   1 
ATOM 103 C CD   . LYS A 1 7  ? 0.576  -4.464  -2.915 1.00 3.13 ? 7  LYS A CD   1 
ATOM 104 C CE   . LYS A 1 7  ? -0.367 -5.666  -2.797 1.00 4.19 ? 7  LYS A CE   1 
ATOM 105 N NZ   . LYS A 1 7  ? -0.567 -6.144  -4.196 1.00 5.06 ? 7  LYS A NZ   1 
ATOM 106 H H    . LYS A 1 7  ? 1.254  -2.752  1.590  1.00 1.04 ? 7  LYS A H    1 
ATOM 107 H HA   . LYS A 1 7  ? 1.717  -1.877  -1.125 1.00 1.38 ? 7  LYS A HA   1 
ATOM 108 H HB2  . LYS A 1 7  ? 0.412  -4.018  0.346  1.00 1.65 ? 7  LYS A HB2  1 
ATOM 109 H HB3  . LYS A 1 7  ? -0.600 -3.490  -0.997 1.00 2.03 ? 7  LYS A HB3  1 
ATOM 110 H HG2  . LYS A 1 7  ? 2.212  -3.687  -1.760 1.00 2.73 ? 7  LYS A HG2  1 
ATOM 111 H HG3  . LYS A 1 7  ? 1.575  -5.222  -1.173 1.00 2.79 ? 7  LYS A HG3  1 
ATOM 112 H HD2  . LYS A 1 7  ? 0.005  -3.577  -3.147 1.00 3.35 ? 7  LYS A HD2  1 
ATOM 113 H HD3  . LYS A 1 7  ? 1.294  -4.647  -3.700 1.00 3.33 ? 7  LYS A HD3  1 
ATOM 114 H HE2  . LYS A 1 7  ? 0.087  -6.440  -2.195 1.00 4.45 ? 7  LYS A HE2  1 
ATOM 115 H HE3  . LYS A 1 7  ? -1.312 -5.362  -2.372 1.00 4.47 ? 7  LYS A HE3  1 
ATOM 116 H HZ1  . LYS A 1 7  ? -1.216 -6.957  -4.195 1.00 5.31 ? 7  LYS A HZ1  1 
ATOM 117 H HZ2  . LYS A 1 7  ? 0.349  -6.434  -4.599 1.00 5.47 ? 7  LYS A HZ2  1 
ATOM 118 H HZ3  . LYS A 1 7  ? -0.974 -5.381  -4.771 1.00 5.36 ? 7  LYS A HZ3  1 
ATOM 119 N N    . ALA A 1 8  ? -1.166 -1.047  0.290  1.00 0.95 ? 8  ALA A N    1 
ATOM 120 C CA   . ALA A 1 8  ? -2.307 -0.083  0.184  1.00 0.96 ? 8  ALA A CA   1 
ATOM 121 C C    . ALA A 1 8  ? -1.783 1.360   0.202  1.00 0.69 ? 8  ALA A C    1 
ATOM 122 O O    . ALA A 1 8  ? -2.180 2.182   -0.604 1.00 0.66 ? 8  ALA A O    1 
ATOM 123 C CB   . ALA A 1 8  ? -3.173 -0.354  1.418  1.00 1.17 ? 8  ALA A CB   1 
ATOM 124 H H    . ALA A 1 8  ? -1.115 -1.660  1.055  1.00 1.02 ? 8  ALA A H    1 
ATOM 125 H HA   . ALA A 1 8  ? -2.875 -0.267  -0.714 1.00 1.15 ? 8  ALA A HA   1 
ATOM 126 H HB1  . ALA A 1 8  ? -3.775 -1.234  1.249  1.00 1.58 ? 8  ALA A HB1  1 
ATOM 127 H HB2  . ALA A 1 8  ? -3.817 0.494   1.598  1.00 1.56 ? 8  ALA A HB2  1 
ATOM 128 H HB3  . ALA A 1 8  ? -2.536 -0.512  2.277  1.00 1.64 ? 8  ALA A HB3  1 
ATOM 129 N N    . ALA A 1 9  ? -0.888 1.666   1.114  1.00 0.61 ? 9  ALA A N    1 
ATOM 130 C CA   . ALA A 1 9  ? -0.323 3.050   1.191  1.00 0.65 ? 9  ALA A CA   1 
ATOM 131 C C    . ALA A 1 9  ? 0.369  3.414   -0.128 1.00 0.58 ? 9  ALA A C    1 
ATOM 132 O O    . ALA A 1 9  ? 0.239  4.518   -0.620 1.00 0.67 ? 9  ALA A O    1 
ATOM 133 C CB   . ALA A 1 9  ? 0.692  3.009   2.335  1.00 0.83 ? 9  ALA A CB   1 
ATOM 134 H H    . ALA A 1 9  ? -0.584 0.980   1.746  1.00 0.68 ? 9  ALA A H    1 
ATOM 135 H HA   . ALA A 1 9  ? -1.101 3.762   1.415  1.00 0.81 ? 9  ALA A HA   1 
ATOM 136 H HB1  . ALA A 1 9  ? 0.179  2.818   3.266  1.00 1.34 ? 9  ALA A HB1  1 
ATOM 137 H HB2  . ALA A 1 9  ? 1.206  3.957   2.395  1.00 1.29 ? 9  ALA A HB2  1 
ATOM 138 H HB3  . ALA A 1 9  ? 1.410  2.222   2.152  1.00 1.40 ? 9  ALA A HB3  1 
ATOM 139 N N    . LYS A 1 10 ? 1.098  2.487   -0.703 1.00 0.67 ? 10 LYS A N    1 
ATOM 140 C CA   . LYS A 1 10 ? 1.798  2.767   -1.996 1.00 0.89 ? 10 LYS A CA   1 
ATOM 141 C C    . LYS A 1 10 ? 0.776  3.068   -3.096 1.00 0.75 ? 10 LYS A C    1 
ATOM 142 O O    . LYS A 1 10 ? 0.913  4.025   -3.830 1.00 0.84 ? 10 LYS A O    1 
ATOM 143 C CB   . LYS A 1 10 ? 2.578  1.490   -2.320 1.00 1.23 ? 10 LYS A CB   1 
ATOM 144 C CG   . LYS A 1 10 ? 4.006  1.620   -1.792 1.00 1.78 ? 10 LYS A CG   1 
ATOM 145 C CD   . LYS A 1 10 ? 4.722  0.275   -1.924 1.00 2.20 ? 10 LYS A CD   1 
ATOM 146 C CE   . LYS A 1 10 ? 6.206  0.450   -1.587 1.00 2.82 ? 10 LYS A CE   1 
ATOM 147 N NZ   . LYS A 1 10 ? 6.862  0.800   -2.880 1.00 3.41 ? 10 LYS A NZ   1 
ATOM 148 H H    . LYS A 1 10 ? 1.184  1.604   -0.285 1.00 0.73 ? 10 LYS A H    1 
ATOM 149 H HA   . LYS A 1 10 ? 2.479  3.595   -1.881 1.00 1.04 ? 10 LYS A HA   1 
ATOM 150 H HB2  . LYS A 1 10 ? 2.095  0.644   -1.852 1.00 1.53 ? 10 LYS A HB2  1 
ATOM 151 H HB3  . LYS A 1 10 ? 2.603  1.345   -3.390 1.00 1.67 ? 10 LYS A HB3  1 
ATOM 152 H HG2  . LYS A 1 10 ? 4.534  2.369   -2.365 1.00 2.19 ? 10 LYS A HG2  1 
ATOM 153 H HG3  . LYS A 1 10 ? 3.981  1.913   -0.753 1.00 2.41 ? 10 LYS A HG3  1 
ATOM 154 H HD2  . LYS A 1 10 ? 4.277  -0.436  -1.241 1.00 2.56 ? 10 LYS A HD2  1 
ATOM 155 H HD3  . LYS A 1 10 ? 4.624  -0.090  -2.936 1.00 2.60 ? 10 LYS A HD3  1 
ATOM 156 H HE2  . LYS A 1 10 ? 6.332  1.248   -0.868 1.00 3.30 ? 10 LYS A HE2  1 
ATOM 157 H HE3  . LYS A 1 10 ? 6.613  -0.471  -1.201 1.00 3.03 ? 10 LYS A HE3  1 
ATOM 158 H HZ1  . LYS A 1 10 ? 6.717  0.030   -3.564 1.00 3.70 ? 10 LYS A HZ1  1 
ATOM 159 H HZ2  . LYS A 1 10 ? 7.883  0.936   -2.724 1.00 3.74 ? 10 LYS A HZ2  1 
ATOM 160 H HZ3  . LYS A 1 10 ? 6.449  1.677   -3.257 1.00 3.72 ? 10 LYS A HZ3  1 
ATOM 161 N N    . LYS A 1 11 ? -0.254 2.261   -3.209 1.00 0.74 ? 11 LYS A N    1 
ATOM 162 C CA   . LYS A 1 11 ? -1.294 2.505   -4.258 1.00 0.80 ? 11 LYS A CA   1 
ATOM 163 C C    . LYS A 1 11 ? -1.890 3.908   -4.089 1.00 0.57 ? 11 LYS A C    1 
ATOM 164 O O    . LYS A 1 11 ? -2.170 4.590   -5.057 1.00 0.65 ? 11 LYS A O    1 
ATOM 165 C CB   . LYS A 1 11 ? -2.361 1.430   -4.034 1.00 1.07 ? 11 LYS A CB   1 
ATOM 166 C CG   . LYS A 1 11 ? -1.956 0.146   -4.766 1.00 1.62 ? 11 LYS A CG   1 
ATOM 167 C CD   . LYS A 1 11 ? -2.152 0.328   -6.275 1.00 2.17 ? 11 LYS A CD   1 
ATOM 168 C CE   . LYS A 1 11 ? -2.341 -1.041  -6.940 1.00 2.84 ? 11 LYS A CE   1 
ATOM 169 N NZ   . LYS A 1 11 ? -2.274 -0.777  -8.407 1.00 3.45 ? 11 LYS A NZ   1 
ATOM 170 H H    . LYS A 1 11 ? -0.344 1.497   -2.598 1.00 0.83 ? 11 LYS A H    1 
ATOM 171 H HA   . LYS A 1 11 ? -0.864 2.398   -5.242 1.00 0.97 ? 11 LYS A HA   1 
ATOM 172 H HB2  . LYS A 1 11 ? -2.453 1.229   -2.976 1.00 1.23 ? 11 LYS A HB2  1 
ATOM 173 H HB3  . LYS A 1 11 ? -3.309 1.777   -4.417 1.00 1.14 ? 11 LYS A HB3  1 
ATOM 174 H HG2  . LYS A 1 11 ? -0.918 -0.072  -4.560 1.00 1.94 ? 11 LYS A HG2  1 
ATOM 175 H HG3  . LYS A 1 11 ? -2.571 -0.672  -4.421 1.00 2.21 ? 11 LYS A HG3  1 
ATOM 176 H HD2  . LYS A 1 11 ? -3.024 0.941   -6.453 1.00 2.57 ? 11 LYS A HD2  1 
ATOM 177 H HD3  . LYS A 1 11 ? -1.282 0.812   -6.693 1.00 2.47 ? 11 LYS A HD3  1 
ATOM 178 H HE2  . LYS A 1 11 ? -1.549 -1.714  -6.640 1.00 3.14 ? 11 LYS A HE2  1 
ATOM 179 H HE3  . LYS A 1 11 ? -3.304 -1.453  -6.682 1.00 3.20 ? 11 LYS A HE3  1 
ATOM 180 H HZ1  . LYS A 1 11 ? -2.321 -1.678  -8.924 1.00 3.84 ? 11 LYS A HZ1  1 
ATOM 181 H HZ2  . LYS A 1 11 ? -1.379 -0.294  -8.634 1.00 3.70 ? 11 LYS A HZ2  1 
ATOM 182 H HZ3  . LYS A 1 11 ? -3.074 -0.176  -8.690 1.00 3.80 ? 11 LYS A HZ3  1 
ATOM 183 N N    . LEU A 1 12 ? -2.063 4.351   -2.865 1.00 0.50 ? 12 LEU A N    1 
ATOM 184 C CA   . LEU A 1 12 ? -2.617 5.723   -2.634 1.00 0.70 ? 12 LEU A CA   1 
ATOM 185 C C    . LEU A 1 12 ? -1.638 6.767   -3.181 1.00 0.71 ? 12 LEU A C    1 
ATOM 186 O O    . LEU A 1 12 ? -2.037 7.771   -3.740 1.00 0.88 ? 12 LEU A O    1 
ATOM 187 C CB   . LEU A 1 12 ? -2.750 5.858   -1.116 1.00 0.97 ? 12 LEU A CB   1 
ATOM 188 C CG   . LEU A 1 12 ? -3.881 4.958   -0.620 1.00 1.31 ? 12 LEU A CG   1 
ATOM 189 C CD1  . LEU A 1 12 ? -3.756 4.770   0.890  1.00 1.52 ? 12 LEU A CD1  1 
ATOM 190 C CD2  . LEU A 1 12 ? -5.228 5.608   -0.948 1.00 2.05 ? 12 LEU A CD2  1 
ATOM 191 H H    . LEU A 1 12 ? -1.814 3.789   -2.101 1.00 0.51 ? 12 LEU A H    1 
ATOM 192 H HA   . LEU A 1 12 ? -3.582 5.825   -3.103 1.00 0.87 ? 12 LEU A HA   1 
ATOM 193 H HB2  . LEU A 1 12 ? -1.822 5.563   -0.647 1.00 1.15 ? 12 LEU A HB2  1 
ATOM 194 H HB3  . LEU A 1 12 ? -2.971 6.883   -0.863 1.00 1.47 ? 12 LEU A HB3  1 
ATOM 195 H HG   . LEU A 1 12 ? -3.815 3.996   -1.109 1.00 1.85 ? 12 LEU A HG   1 
ATOM 196 H HD11 . LEU A 1 12 ? -2.753 4.449   1.130  1.00 1.97 ? 12 LEU A HD11 1 
ATOM 197 H HD12 . LEU A 1 12 ? -4.461 4.021   1.220  1.00 1.98 ? 12 LEU A HD12 1 
ATOM 198 H HD13 . LEU A 1 12 ? -3.963 5.705   1.388  1.00 1.90 ? 12 LEU A HD13 1 
ATOM 199 H HD21 . LEU A 1 12 ? -6.017 5.075   -0.440 1.00 2.52 ? 12 LEU A HD21 1 
ATOM 200 H HD22 . LEU A 1 12 ? -5.395 5.570   -2.015 1.00 2.53 ? 12 LEU A HD22 1 
ATOM 201 H HD23 . LEU A 1 12 ? -5.219 6.637   -0.621 1.00 2.42 ? 12 LEU A HD23 1 
ATOM 202 N N    . ALA A 1 13 ? -0.359 6.520   -3.037 1.00 0.69 ? 13 ALA A N    1 
ATOM 203 C CA   . ALA A 1 13 ? 0.659  7.478   -3.563 1.00 0.95 ? 13 ALA A CA   1 
ATOM 204 C C    . ALA A 1 13 ? 0.789  7.316   -5.087 1.00 0.92 ? 13 ALA A C    1 
ATOM 205 O O    . ALA A 1 13 ? 1.157  8.241   -5.786 1.00 1.12 ? 13 ALA A O    1 
ATOM 206 C CB   . ALA A 1 13 ? 1.968  7.098   -2.865 1.00 1.14 ? 13 ALA A CB   1 
ATOM 207 H H    . ALA A 1 13 ? -0.068 5.694   -2.593 1.00 0.62 ? 13 ALA A H    1 
ATOM 208 H HA   . ALA A 1 13 ? 0.386  8.490   -3.312 1.00 1.16 ? 13 ALA A HA   1 
ATOM 209 H HB1  . ALA A 1 13 ? 2.065  6.022   -2.843 1.00 1.62 ? 13 ALA A HB1  1 
ATOM 210 H HB2  . ALA A 1 13 ? 1.962  7.479   -1.855 1.00 1.67 ? 13 ALA A HB2  1 
ATOM 211 H HB3  . ALA A 1 13 ? 2.801  7.523   -3.406 1.00 1.39 ? 13 ALA A HB3  1 
ATOM 212 N N    . GLU A 1 14 ? 0.478  6.147   -5.601 1.00 0.81 ? 14 GLU A N    1 
ATOM 213 C CA   . GLU A 1 14 ? 0.566  5.914   -7.078 1.00 1.00 ? 14 GLU A CA   1 
ATOM 214 C C    . GLU A 1 14 ? -0.812 6.115   -7.733 1.00 1.02 ? 14 GLU A C    1 
ATOM 215 O O    . GLU A 1 14 ? -1.092 5.568   -8.783 1.00 1.64 ? 14 GLU A O    1 
ATOM 216 C CB   . GLU A 1 14 ? 1.013  4.452   -7.234 1.00 1.23 ? 14 GLU A CB   1 
ATOM 217 C CG   . GLU A 1 14 ? 2.316  4.207   -6.466 1.00 1.33 ? 14 GLU A CG   1 
ATOM 218 C CD   . GLU A 1 14 ? 3.509  4.689   -7.294 1.00 1.84 ? 14 GLU A CD   1 
ATOM 219 O OE1  . GLU A 1 14 ? 3.941  3.946   -8.160 1.00 2.43 ? 14 GLU A OE1  1 
ATOM 220 O OE2  . GLU A 1 14 ? 3.971  5.789   -7.045 1.00 2.23 ? 14 GLU A OE2  1 
ATOM 221 H H    . GLU A 1 14 ? 0.178  5.420   -5.015 1.00 0.73 ? 14 GLU A H    1 
ATOM 222 H HA   . GLU A 1 14 ? 1.296  6.572   -7.522 1.00 1.18 ? 14 GLU A HA   1 
ATOM 223 H HB2  . GLU A 1 14 ? 0.243  3.801   -6.848 1.00 1.30 ? 14 GLU A HB2  1 
ATOM 224 H HB3  . GLU A 1 14 ? 1.170  4.238   -8.282 1.00 1.50 ? 14 GLU A HB3  1 
ATOM 225 H HG2  . GLU A 1 14 ? 2.289  4.743   -5.529 1.00 1.24 ? 14 GLU A HG2  1 
ATOM 226 H HG3  . GLU A 1 14 ? 2.421  3.151   -6.270 1.00 1.46 ? 14 GLU A HG3  1 
ATOM 227 N N    . SER A 1 15 ? -1.675 6.894   -7.118 1.00 0.88 ? 15 SER A N    1 
ATOM 228 C CA   . SER A 1 15 ? -3.036 7.129   -7.699 1.00 1.02 ? 15 SER A CA   1 
ATOM 229 C C    . SER A 1 15 ? -2.932 7.929   -9.007 1.00 1.66 ? 15 SER A C    1 
ATOM 230 O O    . SER A 1 15 ? -2.155 8.871   -9.046 1.00 2.26 ? 15 SER A O    1 
ATOM 231 C CB   . SER A 1 15 ? -3.792 7.934   -6.639 1.00 1.14 ? 15 SER A CB   1 
ATOM 232 O OG   . SER A 1 15 ? -5.170 8.003   -6.992 1.00 1.98 ? 15 SER A OG   1 
ATOM 233 O OXT  . SER A 1 15 ? -3.636 7.587   -9.946 1.00 2.17 ? 15 SER A OXT  1 
ATOM 234 H H    . SER A 1 15 ? -1.428 7.321   -6.272 1.00 1.17 ? 15 SER A H    1 
ATOM 235 H HA   . SER A 1 15 ? -3.536 6.188   -7.870 1.00 1.17 ? 15 SER A HA   1 
ATOM 236 H HB2  . SER A 1 15 ? -3.696 7.451   -5.681 1.00 1.44 ? 15 SER A HB2  1 
ATOM 237 H HB3  . SER A 1 15 ? -3.375 8.931   -6.581 1.00 1.55 ? 15 SER A HB3  1 
ATOM 238 H HG   . SER A 1 15 ? -5.247 8.529   -7.792 1.00 2.38 ? 15 SER A HG   1 
# 
